data_6RN8
#
_entry.id   6RN8
#
_cell.length_a   132.060
_cell.length_b   132.060
_cell.length_c   107.480
_cell.angle_alpha   90.00
_cell.angle_beta   90.00
_cell.angle_gamma   120.00
#
_symmetry.space_group_name_H-M   'P 32 2 1'
#
loop_
_entity.id
_entity.type
_entity.pdbx_description
1 polymer 'Receptor-interacting serine/threonine-protein kinase 2'
2 non-polymer '2-[4-(1,3-benzothiazol-5-ylamino)-6-~{tert}-butylsulfonyl-quinazolin-7-yl]oxyethyl dihydrogen phosphate'
3 non-polymer 'CALCIUM ION'
4 water water
#
_entity_poly.entity_id   1
_entity_poly.type   'polypeptide(L)'
_entity_poly.pdbx_seq_one_letter_code
;GMNGEAICSALPTIPYHKLADLRYLSRGASGTVSSARHADWRVQVAVKHLHIHTPLLDSERKDVLREAEILHKARFSYIL
PILGICNEPEFLGIVTEYMPNGSLNELLHRKTEYPDVAWPLRFRILHEIALGVNYLHNMTPPLLHHDLKTQNILLDNEFH
VKIADFGLSKWRMMSLSQSRSSKSAPEGGTIIYMPPENYEPGQKSRASIKHDIYSYAVITWEVLSRKQPFEDVTNPLQIM
YSVSQGHRPVINEESLPYDIPHRARMISLIESGWAQNPDERPSFLKCLIELEPVLRTFEEITFLEAVIQLK
;
_entity_poly.pdbx_strand_id   A,B
#
loop_
_chem_comp.id
_chem_comp.type
_chem_comp.name
_chem_comp.formula
CA non-polymer 'CALCIUM ION' 'Ca 2'
K9T non-polymer '2-[4-(1,3-benzothiazol-5-ylamino)-6-~{tert}-butylsulfonyl-quinazolin-7-yl]oxyethyl dihydrogen phosphate' 'C21 H23 N4 O7 P S2'
#
# COMPACT_ATOMS: atom_id res chain seq x y z
N ALA A 6 12.24 -6.19 -19.73
CA ALA A 6 12.50 -4.77 -20.01
C ALA A 6 11.22 -3.90 -19.79
N ILE A 7 10.34 -4.33 -18.84
CA ILE A 7 9.04 -3.71 -18.51
C ILE A 7 9.23 -2.32 -17.80
N CYS A 8 8.79 -1.21 -18.45
CA CYS A 8 8.94 0.15 -17.89
C CYS A 8 7.60 0.84 -17.52
N SER A 9 7.62 1.69 -16.48
CA SER A 9 6.45 2.46 -15.99
C SER A 9 6.82 3.95 -15.90
N ALA A 10 6.00 4.82 -16.49
CA ALA A 10 6.26 6.25 -16.47
C ALA A 10 5.54 6.91 -15.29
N LEU A 11 6.21 7.85 -14.64
CA LEU A 11 5.59 8.56 -13.53
C LEU A 11 4.62 9.59 -14.12
N PRO A 12 3.34 9.57 -13.70
CA PRO A 12 2.37 10.55 -14.24
C PRO A 12 2.75 11.99 -13.90
N THR A 13 2.32 12.91 -14.76
CA THR A 13 2.49 14.34 -14.57
C THR A 13 1.14 14.88 -14.13
N ILE A 14 1.15 15.66 -13.06
CA ILE A 14 -0.10 16.17 -12.52
C ILE A 14 -0.21 17.65 -12.73
N PRO A 15 -1.18 18.13 -13.53
CA PRO A 15 -1.35 19.59 -13.66
C PRO A 15 -1.69 20.18 -12.29
N TYR A 16 -1.04 21.31 -11.94
CA TYR A 16 -1.23 22.00 -10.67
C TYR A 16 -2.72 22.28 -10.34
N HIS A 17 -3.52 22.63 -11.34
CA HIS A 17 -4.95 22.93 -11.16
C HIS A 17 -5.80 21.69 -10.72
N LYS A 18 -5.21 20.46 -10.78
CA LYS A 18 -5.87 19.21 -10.37
C LYS A 18 -5.71 19.00 -8.86
N LEU A 19 -4.79 19.73 -8.22
CA LEU A 19 -4.55 19.71 -6.78
C LEU A 19 -5.44 20.77 -6.11
N ALA A 20 -6.61 20.34 -5.61
CA ALA A 20 -7.58 21.22 -4.97
C ALA A 20 -7.34 21.21 -3.44
N ASP A 21 -7.86 22.22 -2.72
CA ASP A 21 -7.72 22.39 -1.26
C ASP A 21 -6.28 22.31 -0.81
N LEU A 22 -5.39 22.99 -1.54
CA LEU A 22 -3.95 22.97 -1.24
C LEU A 22 -3.71 23.71 0.06
N ARG A 23 -3.31 22.97 1.08
CA ARG A 23 -3.19 23.47 2.43
C ARG A 23 -1.84 23.09 3.01
N TYR A 24 -1.06 24.07 3.47
CA TYR A 24 0.25 23.94 4.10
C TYR A 24 0.19 22.94 5.26
N LEU A 25 1.23 22.11 5.42
CA LEU A 25 1.33 21.14 6.52
C LEU A 25 2.53 21.48 7.39
N SER A 26 3.73 21.53 6.77
CA SER A 26 4.99 21.81 7.41
C SER A 26 6.02 22.38 6.42
N ARG A 27 7.16 22.87 6.94
CA ARG A 27 8.29 23.40 6.18
C ARG A 27 9.59 22.85 6.80
N GLY A 28 10.53 22.44 5.95
CA GLY A 28 11.82 21.89 6.35
C GLY A 28 12.92 22.10 5.33
N ALA A 29 14.15 21.66 5.68
CA ALA A 29 15.34 21.75 4.82
C ALA A 29 15.12 21.01 3.49
N SER A 30 14.32 19.93 3.55
CA SER A 30 13.92 19.08 2.43
C SER A 30 12.96 19.85 1.47
N GLY A 31 12.05 20.63 2.05
CA GLY A 31 11.10 21.48 1.32
C GLY A 31 9.86 21.78 2.14
N THR A 32 8.80 22.24 1.47
CA THR A 32 7.50 22.53 2.10
C THR A 32 6.55 21.36 1.78
N VAL A 33 5.73 20.97 2.75
CA VAL A 33 4.76 19.91 2.55
C VAL A 33 3.36 20.48 2.68
N SER A 34 2.50 20.15 1.69
CA SER A 34 1.10 20.56 1.70
C SER A 34 0.20 19.37 1.44
N SER A 35 -1.01 19.40 1.98
CA SER A 35 -2.02 18.39 1.68
C SER A 35 -2.94 18.97 0.62
N ALA A 36 -3.53 18.11 -0.19
CA ALA A 36 -4.46 18.52 -1.25
C ALA A 36 -5.32 17.32 -1.57
N ARG A 37 -6.25 17.50 -2.51
CA ARG A 37 -7.06 16.41 -3.01
C ARG A 37 -6.99 16.43 -4.55
N HIS A 38 -6.74 15.25 -5.16
CA HIS A 38 -6.72 15.16 -6.62
C HIS A 38 -8.16 15.27 -7.13
N ALA A 39 -8.40 16.29 -7.96
CA ALA A 39 -9.71 16.60 -8.54
C ALA A 39 -10.32 15.45 -9.32
N ASP A 40 -9.51 14.66 -10.03
CA ASP A 40 -10.00 13.54 -10.83
C ASP A 40 -9.97 12.20 -10.11
N TRP A 41 -8.92 11.95 -9.29
CA TRP A 41 -8.73 10.68 -8.59
C TRP A 41 -9.53 10.55 -7.30
N ARG A 42 -10.03 11.70 -6.79
CA ARG A 42 -10.86 11.81 -5.60
C ARG A 42 -10.18 11.24 -4.35
N VAL A 43 -8.85 11.41 -4.25
CA VAL A 43 -8.06 10.92 -3.13
C VAL A 43 -7.31 12.11 -2.50
N GLN A 44 -6.95 11.97 -1.19
CA GLN A 44 -6.13 12.97 -0.50
C GLN A 44 -4.71 12.66 -0.90
N VAL A 45 -3.92 13.70 -1.14
CA VAL A 45 -2.51 13.58 -1.52
C VAL A 45 -1.66 14.52 -0.67
N ALA A 46 -0.34 14.32 -0.67
CA ALA A 46 0.66 15.19 -0.03
C ALA A 46 1.58 15.67 -1.13
N VAL A 47 1.98 16.93 -1.06
CA VAL A 47 2.82 17.56 -2.07
C VAL A 47 4.05 18.15 -1.37
N LYS A 48 5.26 17.65 -1.70
CA LYS A 48 6.50 18.19 -1.18
C LYS A 48 7.04 19.08 -2.30
N HIS A 49 6.81 20.38 -2.15
CA HIS A 49 7.17 21.44 -3.09
C HIS A 49 8.22 22.37 -2.51
N LEU A 50 8.70 23.33 -3.32
CA LEU A 50 9.75 24.28 -2.96
C LEU A 50 9.29 25.50 -2.16
N HIS A 51 8.24 26.21 -2.65
CA HIS A 51 7.64 27.42 -2.06
C HIS A 51 8.63 28.57 -1.93
N PRO A 55 10.35 32.08 -4.93
CA PRO A 55 11.74 32.08 -5.40
C PRO A 55 12.10 30.78 -6.13
N LEU A 56 12.39 30.90 -7.44
CA LEU A 56 12.72 29.77 -8.31
C LEU A 56 14.23 29.61 -8.51
N LEU A 57 14.73 28.36 -8.43
CA LEU A 57 16.12 28.01 -8.72
C LEU A 57 16.18 26.71 -9.52
N ASP A 58 17.00 26.66 -10.59
CA ASP A 58 17.14 25.46 -11.43
C ASP A 58 18.00 24.36 -10.79
N SER A 59 18.68 24.67 -9.69
CA SER A 59 19.50 23.71 -8.92
C SER A 59 18.57 22.92 -7.98
N GLU A 60 17.53 23.60 -7.45
CA GLU A 60 16.50 23.07 -6.56
C GLU A 60 15.55 22.21 -7.40
N ARG A 61 15.36 22.59 -8.68
CA ARG A 61 14.54 21.91 -9.68
C ARG A 61 15.11 20.50 -9.95
N LYS A 62 16.43 20.41 -10.21
CA LYS A 62 17.17 19.17 -10.43
C LYS A 62 17.11 18.28 -9.19
N ASP A 63 17.11 18.88 -7.99
CA ASP A 63 17.03 18.14 -6.73
C ASP A 63 15.68 17.44 -6.58
N VAL A 64 14.56 18.15 -6.84
CA VAL A 64 13.20 17.63 -6.78
C VAL A 64 13.00 16.48 -7.78
N LEU A 65 13.48 16.65 -9.04
CA LEU A 65 13.37 15.63 -10.07
C LEU A 65 14.17 14.37 -9.73
N ARG A 66 15.35 14.58 -9.13
CA ARG A 66 16.23 13.50 -8.67
C ARG A 66 15.51 12.67 -7.64
N GLU A 67 14.86 13.34 -6.66
CA GLU A 67 14.12 12.70 -5.57
C GLU A 67 12.93 11.93 -6.08
N ALA A 68 12.17 12.55 -7.00
CA ALA A 68 11.01 11.98 -7.67
C ALA A 68 11.43 10.68 -8.43
N GLU A 69 12.59 10.68 -9.12
CA GLU A 69 13.08 9.50 -9.84
C GLU A 69 13.46 8.38 -8.88
N ILE A 70 14.09 8.74 -7.76
CA ILE A 70 14.48 7.75 -6.78
C ILE A 70 13.24 7.08 -6.18
N LEU A 71 12.25 7.87 -5.73
CA LEU A 71 10.98 7.39 -5.18
C LEU A 71 10.19 6.51 -6.15
N HIS A 72 10.19 6.86 -7.45
CA HIS A 72 9.54 6.13 -8.50
C HIS A 72 10.21 4.76 -8.66
N LYS A 73 11.56 4.74 -8.69
CA LYS A 73 12.37 3.52 -8.85
C LYS A 73 12.36 2.62 -7.61
N ALA A 74 12.28 3.21 -6.40
CA ALA A 74 12.32 2.55 -5.08
C ALA A 74 10.94 2.10 -4.53
N ARG A 75 9.88 2.09 -5.36
CA ARG A 75 8.55 1.63 -4.94
C ARG A 75 8.60 0.30 -4.24
N PHE A 76 8.00 0.24 -3.05
CA PHE A 76 7.89 -0.97 -2.22
C PHE A 76 6.86 -0.70 -1.11
N SER A 77 6.42 -1.76 -0.44
CA SER A 77 5.41 -1.75 0.61
C SER A 77 5.70 -0.82 1.74
N TYR A 78 6.99 -0.55 2.04
CA TYR A 78 7.37 0.29 3.20
C TYR A 78 8.02 1.64 2.81
N ILE A 79 7.91 2.03 1.52
CA ILE A 79 8.43 3.29 0.97
C ILE A 79 7.23 4.21 0.64
N LEU A 80 7.35 5.52 0.93
CA LEU A 80 6.29 6.47 0.61
C LEU A 80 5.91 6.37 -0.88
N PRO A 81 4.65 6.02 -1.23
CA PRO A 81 4.31 5.84 -2.66
C PRO A 81 4.12 7.17 -3.36
N ILE A 82 4.93 7.37 -4.41
CA ILE A 82 4.86 8.56 -5.27
C ILE A 82 3.66 8.34 -6.24
N LEU A 83 2.83 9.38 -6.41
CA LEU A 83 1.65 9.35 -7.26
C LEU A 83 1.86 10.05 -8.60
N GLY A 84 2.74 11.04 -8.59
CA GLY A 84 3.08 11.81 -9.78
C GLY A 84 4.00 12.96 -9.46
N ILE A 85 4.39 13.68 -10.53
CA ILE A 85 5.24 14.85 -10.46
C ILE A 85 4.42 16.03 -10.96
N CYS A 86 4.49 17.13 -10.22
CA CYS A 86 3.79 18.34 -10.64
C CYS A 86 4.91 19.29 -11.11
N ASN A 87 5.17 19.32 -12.44
CA ASN A 87 6.27 20.10 -13.00
C ASN A 87 5.77 21.18 -13.92
N GLU A 88 5.79 22.42 -13.42
CA GLU A 88 5.27 23.60 -14.15
C GLU A 88 6.18 24.82 -13.97
N PRO A 89 6.18 25.80 -14.92
CA PRO A 89 7.00 27.01 -14.71
C PRO A 89 6.66 27.75 -13.41
N GLU A 90 5.37 27.66 -13.03
CA GLU A 90 4.76 28.25 -11.84
C GLU A 90 5.10 27.47 -10.55
N PHE A 91 4.98 26.13 -10.58
CA PHE A 91 5.09 25.27 -9.40
C PHE A 91 5.82 23.95 -9.68
N LEU A 92 6.51 23.42 -8.66
CA LEU A 92 7.22 22.14 -8.76
C LEU A 92 7.14 21.32 -7.47
N GLY A 93 6.58 20.13 -7.57
CA GLY A 93 6.43 19.28 -6.40
C GLY A 93 6.23 17.81 -6.71
N ILE A 94 6.53 16.99 -5.69
CA ILE A 94 6.38 15.54 -5.71
C ILE A 94 5.06 15.21 -5.01
N VAL A 95 4.14 14.60 -5.77
CA VAL A 95 2.83 14.23 -5.23
C VAL A 95 2.88 12.78 -4.77
N THR A 96 2.57 12.56 -3.49
CA THR A 96 2.56 11.22 -2.88
C THR A 96 1.22 10.98 -2.19
N GLU A 97 1.06 9.77 -1.65
CA GLU A 97 -0.12 9.43 -0.87
C GLU A 97 -0.08 10.23 0.43
N TYR A 98 -1.24 10.58 0.97
CA TYR A 98 -1.33 11.30 2.23
C TYR A 98 -1.23 10.31 3.38
N MET A 99 -0.37 10.58 4.36
CA MET A 99 -0.15 9.73 5.54
C MET A 99 -0.94 10.36 6.67
N PRO A 100 -2.18 9.85 6.96
CA PRO A 100 -3.03 10.55 7.95
C PRO A 100 -2.51 10.56 9.38
N ASN A 101 -1.64 9.63 9.73
CA ASN A 101 -1.12 9.55 11.11
C ASN A 101 0.26 10.19 11.28
N GLY A 102 0.69 10.99 10.33
CA GLY A 102 1.94 11.74 10.41
C GLY A 102 3.21 10.93 10.54
N SER A 103 4.10 11.33 11.47
CA SER A 103 5.41 10.71 11.66
C SER A 103 5.57 9.92 12.92
N LEU A 104 6.63 9.12 12.94
CA LEU A 104 6.98 8.33 14.11
C LEU A 104 7.43 9.29 15.24
N ASN A 105 8.02 10.43 14.88
CA ASN A 105 8.45 11.46 15.82
C ASN A 105 7.30 11.92 16.72
N GLU A 106 6.16 12.28 16.10
CA GLU A 106 4.96 12.75 16.79
C GLU A 106 4.36 11.64 17.65
N LEU A 107 4.26 10.41 17.12
CA LEU A 107 3.74 9.24 17.85
C LEU A 107 4.50 9.01 19.16
N LEU A 108 5.83 9.10 19.09
CA LEU A 108 6.69 8.85 20.24
C LEU A 108 6.73 9.95 21.27
N HIS A 109 6.75 11.20 20.82
CA HIS A 109 6.97 12.33 21.69
C HIS A 109 5.72 13.11 22.05
N ARG A 110 4.58 12.93 21.33
CA ARG A 110 3.32 13.59 21.74
C ARG A 110 2.61 12.68 22.77
N LYS A 111 3.15 12.67 24.01
CA LYS A 111 2.73 11.85 25.11
C LYS A 111 1.34 12.14 25.66
N THR A 112 0.80 13.35 25.49
CA THR A 112 -0.55 13.62 26.01
C THR A 112 -1.55 13.08 25.00
N GLU A 113 -1.26 13.27 23.70
CA GLU A 113 -2.08 12.76 22.59
C GLU A 113 -2.03 11.23 22.53
N TYR A 114 -0.88 10.63 22.89
CA TYR A 114 -0.67 9.17 22.89
C TYR A 114 -0.03 8.70 24.21
N PRO A 115 -0.81 8.59 25.30
CA PRO A 115 -0.20 8.12 26.56
C PRO A 115 0.41 6.71 26.46
N ASP A 116 -0.24 5.82 25.69
CA ASP A 116 0.20 4.44 25.50
C ASP A 116 0.39 4.09 24.06
N VAL A 117 1.56 3.52 23.74
CA VAL A 117 1.90 3.03 22.42
C VAL A 117 2.35 1.62 22.74
N ALA A 118 1.43 0.67 22.53
CA ALA A 118 1.68 -0.74 22.86
C ALA A 118 2.91 -1.31 22.19
N TRP A 119 3.60 -2.17 22.91
CA TRP A 119 4.79 -2.87 22.43
C TRP A 119 4.61 -3.54 21.07
N PRO A 120 3.53 -4.33 20.79
CA PRO A 120 3.44 -4.95 19.45
C PRO A 120 3.58 -3.97 18.27
N LEU A 121 2.91 -2.82 18.37
CA LEU A 121 2.97 -1.77 17.35
C LEU A 121 4.37 -1.19 17.24
N ARG A 122 5.04 -0.95 18.37
CA ARG A 122 6.41 -0.44 18.38
C ARG A 122 7.36 -1.39 17.63
N PHE A 123 7.25 -2.70 17.93
CA PHE A 123 8.05 -3.73 17.26
C PHE A 123 7.70 -3.87 15.77
N ARG A 124 6.43 -3.73 15.42
CA ARG A 124 5.99 -3.79 14.02
C ARG A 124 6.55 -2.63 13.22
N ILE A 125 6.52 -1.41 13.79
CA ILE A 125 7.11 -0.22 13.17
C ILE A 125 8.60 -0.50 12.90
N LEU A 126 9.33 -1.00 13.90
CA LEU A 126 10.76 -1.31 13.77
C LEU A 126 11.04 -2.38 12.70
N HIS A 127 10.15 -3.39 12.61
CA HIS A 127 10.29 -4.45 11.62
C HIS A 127 10.11 -3.86 10.21
N GLU A 128 9.07 -3.02 10.05
CA GLU A 128 8.75 -2.40 8.77
C GLU A 128 9.81 -1.41 8.31
N ILE A 129 10.44 -0.64 9.25
CA ILE A 129 11.55 0.26 8.91
C ILE A 129 12.68 -0.58 8.36
N ALA A 130 13.03 -1.71 9.05
CA ALA A 130 14.09 -2.63 8.61
C ALA A 130 13.77 -3.26 7.23
N LEU A 131 12.49 -3.63 7.00
CA LEU A 131 12.03 -4.17 5.71
C LEU A 131 12.19 -3.15 4.56
N GLY A 132 11.78 -1.92 4.80
CA GLY A 132 11.92 -0.81 3.85
C GLY A 132 13.36 -0.56 3.48
N VAL A 133 14.26 -0.34 4.50
CA VAL A 133 15.70 -0.08 4.28
C VAL A 133 16.40 -1.26 3.62
N ASN A 134 16.08 -2.50 4.06
CA ASN A 134 16.66 -3.71 3.45
C ASN A 134 16.35 -3.73 1.94
N TYR A 135 15.09 -3.39 1.53
CA TYR A 135 14.71 -3.34 0.13
C TYR A 135 15.61 -2.40 -0.66
N LEU A 136 15.80 -1.16 -0.14
CA LEU A 136 16.67 -0.15 -0.73
C LEU A 136 18.09 -0.69 -0.96
N HIS A 137 18.67 -1.33 0.07
CA HIS A 137 20.01 -1.91 0.04
C HIS A 137 20.15 -3.07 -0.93
N ASN A 138 19.01 -3.73 -1.27
CA ASN A 138 18.94 -4.90 -2.16
C ASN A 138 18.65 -4.57 -3.62
N MET A 139 18.53 -3.28 -3.96
CA MET A 139 18.31 -2.81 -5.33
C MET A 139 19.61 -2.90 -6.16
N THR A 140 19.48 -2.82 -7.49
CA THR A 140 20.66 -2.85 -8.38
C THR A 140 20.72 -1.52 -9.18
N PRO A 141 21.62 -0.58 -8.82
CA PRO A 141 22.59 -0.62 -7.72
C PRO A 141 21.87 -0.34 -6.37
N PRO A 142 22.52 -0.66 -5.22
CA PRO A 142 21.87 -0.39 -3.92
C PRO A 142 21.52 1.09 -3.72
N LEU A 143 20.38 1.37 -3.07
CA LEU A 143 20.06 2.74 -2.73
C LEU A 143 20.28 2.87 -1.22
N LEU A 144 21.04 3.88 -0.81
CA LEU A 144 21.31 4.14 0.60
C LEU A 144 20.53 5.40 0.95
N HIS A 145 19.65 5.35 1.98
CA HIS A 145 18.76 6.46 2.36
C HIS A 145 19.51 7.67 2.87
N HIS A 146 20.43 7.46 3.84
CA HIS A 146 21.37 8.43 4.41
C HIS A 146 20.77 9.60 5.17
N ASP A 147 19.46 9.55 5.47
CA ASP A 147 18.81 10.60 6.27
C ASP A 147 17.65 10.03 7.08
N LEU A 148 17.81 8.83 7.62
CA LEU A 148 16.75 8.23 8.42
C LEU A 148 16.66 8.93 9.76
N LYS A 149 15.44 9.25 10.16
CA LYS A 149 15.08 9.86 11.43
C LYS A 149 13.65 9.56 11.72
N THR A 150 13.21 9.66 13.00
CA THR A 150 11.80 9.41 13.34
C THR A 150 10.86 10.41 12.59
N GLN A 151 11.35 11.59 12.17
CA GLN A 151 10.59 12.59 11.38
C GLN A 151 10.25 12.11 9.95
N ASN A 152 11.05 11.15 9.41
CA ASN A 152 11.01 10.58 8.04
C ASN A 152 10.32 9.22 7.94
N ILE A 153 9.88 8.67 9.08
CA ILE A 153 9.14 7.44 9.12
C ILE A 153 7.71 7.87 9.27
N LEU A 154 6.99 7.90 8.15
CA LEU A 154 5.59 8.32 8.12
C LEU A 154 4.67 7.12 8.41
N LEU A 155 3.50 7.39 8.94
CA LEU A 155 2.56 6.36 9.36
C LEU A 155 1.19 6.52 8.68
N ASP A 156 0.76 5.50 7.93
CA ASP A 156 -0.55 5.52 7.25
C ASP A 156 -1.73 5.38 8.22
N ASN A 157 -2.96 5.19 7.68
CA ASN A 157 -4.19 5.10 8.48
C ASN A 157 -4.20 3.99 9.52
N GLU A 158 -3.42 2.92 9.29
CA GLU A 158 -3.36 1.81 10.23
C GLU A 158 -2.00 1.67 10.86
N PHE A 159 -1.23 2.79 10.86
CA PHE A 159 0.09 2.93 11.49
C PHE A 159 1.12 1.98 10.89
N HIS A 160 1.02 1.78 9.57
CA HIS A 160 2.02 1.04 8.82
C HIS A 160 3.02 2.08 8.31
N VAL A 161 4.27 1.67 8.25
CA VAL A 161 5.40 2.52 7.91
C VAL A 161 5.51 2.82 6.42
N LYS A 162 5.87 4.08 6.12
CA LYS A 162 6.21 4.59 4.81
C LYS A 162 7.41 5.49 5.03
N ILE A 163 8.59 5.07 4.54
CA ILE A 163 9.85 5.82 4.62
C ILE A 163 9.78 6.99 3.61
N ALA A 164 10.08 8.22 4.09
CA ALA A 164 10.07 9.43 3.26
C ALA A 164 11.46 10.12 3.25
N ASP A 165 11.55 11.30 2.62
CA ASP A 165 12.73 12.17 2.46
C ASP A 165 13.95 11.45 1.87
N PHE A 166 13.98 11.39 0.53
CA PHE A 166 15.06 10.79 -0.25
C PHE A 166 16.02 11.86 -0.84
N GLY A 167 16.15 12.97 -0.12
CA GLY A 167 16.97 14.12 -0.51
C GLY A 167 18.46 13.91 -0.42
N LEU A 168 18.91 13.08 0.52
CA LEU A 168 20.33 12.79 0.70
C LEU A 168 20.68 11.38 0.21
N SER A 169 19.68 10.62 -0.24
CA SER A 169 19.91 9.25 -0.71
C SER A 169 20.92 9.17 -1.90
N LYS A 170 21.71 8.09 -1.94
CA LYS A 170 22.75 7.90 -2.96
C LYS A 170 22.69 6.46 -3.46
N TRP A 171 22.96 6.26 -4.77
CA TRP A 171 23.07 4.93 -5.40
C TRP A 171 24.50 4.47 -5.11
N ARG A 172 24.68 3.28 -4.53
CA ARG A 172 26.02 2.76 -4.26
C ARG A 172 26.64 2.31 -5.59
N MET A 173 27.39 3.22 -6.23
CA MET A 173 28.06 3.02 -7.51
C MET A 173 29.56 3.26 -7.37
N GLY A 189 20.44 20.46 9.67
CA GLY A 189 19.52 19.70 10.51
C GLY A 189 20.23 18.90 11.58
N THR A 190 19.47 18.00 12.28
CA THR A 190 19.94 17.14 13.38
C THR A 190 21.03 16.16 12.91
N ILE A 191 21.95 15.83 13.85
CA ILE A 191 23.09 14.95 13.66
C ILE A 191 23.00 13.71 14.54
N ILE A 192 21.94 13.58 15.36
CA ILE A 192 21.78 12.51 16.33
C ILE A 192 21.66 11.10 15.70
N TYR A 193 21.33 10.99 14.39
CA TYR A 193 21.21 9.69 13.70
C TYR A 193 22.40 9.41 12.80
N MET A 194 23.37 10.34 12.78
CA MET A 194 24.56 10.25 11.95
C MET A 194 25.73 9.46 12.56
N PRO A 195 26.30 8.45 11.81
CA PRO A 195 27.44 7.71 12.35
C PRO A 195 28.63 8.66 12.47
N PRO A 196 29.49 8.50 13.53
CA PRO A 196 30.61 9.45 13.72
C PRO A 196 31.59 9.60 12.56
N GLU A 197 31.79 8.57 11.72
CA GLU A 197 32.73 8.68 10.58
C GLU A 197 32.22 9.64 9.48
N ASN A 198 30.90 9.98 9.50
CA ASN A 198 30.27 10.86 8.54
C ASN A 198 30.50 12.37 8.84
N TYR A 199 31.05 12.71 10.04
CA TYR A 199 31.28 14.13 10.38
C TYR A 199 32.31 14.83 9.46
N GLU A 200 33.51 14.20 9.24
CA GLU A 200 34.58 14.73 8.38
C GLU A 200 34.71 13.97 7.06
N SER A 208 29.02 5.31 2.55
CA SER A 208 29.15 4.07 3.30
C SER A 208 27.81 3.34 3.36
N ILE A 209 27.83 2.00 3.16
CA ILE A 209 26.61 1.19 3.28
C ILE A 209 26.21 1.07 4.76
N LYS A 210 27.16 1.31 5.72
CA LYS A 210 26.91 1.17 7.17
C LYS A 210 26.34 2.42 7.86
N HIS A 211 25.84 3.41 7.09
CA HIS A 211 25.27 4.62 7.66
C HIS A 211 23.85 4.33 8.20
N ASP A 212 22.98 3.77 7.33
CA ASP A 212 21.57 3.54 7.64
C ASP A 212 21.33 2.67 8.88
N ILE A 213 22.20 1.66 9.11
CA ILE A 213 22.08 0.77 10.27
C ILE A 213 22.31 1.52 11.58
N TYR A 214 23.25 2.52 11.56
CA TYR A 214 23.54 3.36 12.71
C TYR A 214 22.27 4.18 13.03
N SER A 215 21.71 4.91 12.02
CA SER A 215 20.48 5.71 12.16
C SER A 215 19.38 4.82 12.70
N TYR A 216 19.27 3.59 12.20
CA TYR A 216 18.29 2.61 12.63
C TYR A 216 18.43 2.20 14.11
N ALA A 217 19.67 2.00 14.61
CA ALA A 217 19.93 1.68 16.02
C ALA A 217 19.44 2.84 16.95
N VAL A 218 19.66 4.11 16.51
CA VAL A 218 19.22 5.28 17.28
C VAL A 218 17.69 5.32 17.29
N ILE A 219 17.03 5.10 16.12
CA ILE A 219 15.57 5.04 15.97
C ILE A 219 15.02 3.98 16.91
N THR A 220 15.66 2.78 16.98
CA THR A 220 15.25 1.65 17.84
C THR A 220 15.25 2.06 19.31
N TRP A 221 16.34 2.70 19.75
CA TRP A 221 16.51 3.22 21.09
C TRP A 221 15.38 4.20 21.41
N GLU A 222 15.13 5.16 20.50
CA GLU A 222 14.10 6.18 20.57
C GLU A 222 12.69 5.57 20.66
N VAL A 223 12.40 4.53 19.84
CA VAL A 223 11.09 3.84 19.87
C VAL A 223 10.84 3.16 21.24
N LEU A 224 11.85 2.43 21.76
CA LEU A 224 11.72 1.69 23.01
C LEU A 224 11.74 2.57 24.28
N SER A 225 12.40 3.72 24.21
CA SER A 225 12.50 4.67 25.31
C SER A 225 11.42 5.77 25.33
N ARG A 226 10.95 6.20 24.14
CA ARG A 226 10.07 7.36 23.92
C ARG A 226 10.81 8.64 24.42
N LYS A 227 12.15 8.59 24.41
CA LYS A 227 13.03 9.66 24.85
C LYS A 227 13.77 10.28 23.70
N GLN A 228 14.12 11.55 23.83
CA GLN A 228 14.92 12.23 22.81
C GLN A 228 16.39 11.83 23.02
N PRO A 229 17.07 11.26 21.98
CA PRO A 229 18.49 10.90 22.13
C PRO A 229 19.33 12.10 22.55
N PHE A 230 20.21 11.92 23.57
CA PHE A 230 21.08 12.98 24.14
C PHE A 230 20.27 14.19 24.63
N GLU A 231 19.12 13.93 25.32
CA GLU A 231 18.19 14.95 25.84
C GLU A 231 18.88 15.98 26.77
N ASP A 232 19.79 15.49 27.63
CA ASP A 232 20.52 16.31 28.59
C ASP A 232 21.64 17.18 27.96
N VAL A 233 21.93 16.98 26.66
CA VAL A 233 22.96 17.69 25.90
C VAL A 233 22.37 18.88 25.13
N THR A 234 22.81 20.08 25.48
CA THR A 234 22.28 21.31 24.90
C THR A 234 22.89 21.69 23.56
N ASN A 235 24.23 21.56 23.40
CA ASN A 235 24.96 21.90 22.19
C ASN A 235 25.14 20.67 21.30
N PRO A 236 24.83 20.73 19.98
CA PRO A 236 25.03 19.51 19.13
C PRO A 236 26.49 19.14 18.86
N LEU A 237 27.42 20.09 19.13
CA LEU A 237 28.85 19.88 19.04
C LEU A 237 29.30 18.98 20.16
N GLN A 238 28.64 19.10 21.31
CA GLN A 238 28.87 18.22 22.45
C GLN A 238 28.42 16.77 22.08
N ILE A 239 27.33 16.61 21.27
CA ILE A 239 26.83 15.30 20.82
C ILE A 239 27.88 14.70 19.91
N MET A 240 28.23 15.44 18.86
CA MET A 240 29.25 15.10 17.88
C MET A 240 30.55 14.71 18.53
N TYR A 241 31.04 15.51 19.51
CA TYR A 241 32.26 15.15 20.23
C TYR A 241 32.10 13.86 21.01
N SER A 242 31.00 13.69 21.74
CA SER A 242 30.74 12.50 22.55
C SER A 242 30.64 11.23 21.73
N VAL A 243 29.84 11.27 20.65
CA VAL A 243 29.70 10.14 19.73
C VAL A 243 31.10 9.77 19.09
N SER A 244 31.90 10.81 18.74
CA SER A 244 33.22 10.57 18.15
C SER A 244 34.13 9.80 19.11
N GLN A 245 33.90 9.98 20.43
CA GLN A 245 34.57 9.30 21.54
C GLN A 245 33.87 7.97 21.95
N GLY A 246 32.81 7.58 21.24
CA GLY A 246 32.09 6.34 21.52
C GLY A 246 30.91 6.41 22.47
N HIS A 247 30.49 7.62 22.85
CA HIS A 247 29.30 7.79 23.69
C HIS A 247 28.08 7.62 22.81
N ARG A 248 27.02 7.06 23.37
CA ARG A 248 25.77 6.79 22.65
C ARG A 248 24.61 7.13 23.56
N PRO A 249 23.35 7.21 23.05
CA PRO A 249 22.22 7.44 23.98
C PRO A 249 22.26 6.40 25.11
N VAL A 250 21.97 6.85 26.36
CA VAL A 250 22.07 6.03 27.57
C VAL A 250 21.18 4.79 27.56
N ILE A 251 21.79 3.65 27.92
CA ILE A 251 21.10 2.37 28.07
C ILE A 251 21.14 2.00 29.55
N ASN A 252 19.99 2.18 30.23
CA ASN A 252 19.80 1.90 31.65
C ASN A 252 18.31 1.65 31.97
N GLU A 253 17.98 1.46 33.28
CA GLU A 253 16.62 1.21 33.77
C GLU A 253 15.70 2.37 33.47
N GLU A 254 16.18 3.63 33.56
CA GLU A 254 15.36 4.80 33.30
C GLU A 254 15.01 5.02 31.82
N SER A 255 15.97 4.78 30.91
CA SER A 255 15.77 4.95 29.47
C SER A 255 15.01 3.76 28.88
N LEU A 256 15.51 2.53 29.13
CA LEU A 256 14.90 1.31 28.61
C LEU A 256 14.47 0.44 29.80
N PRO A 257 13.18 0.61 30.26
CA PRO A 257 12.71 -0.11 31.46
C PRO A 257 12.79 -1.63 31.33
N TYR A 258 12.93 -2.32 32.48
CA TYR A 258 13.09 -3.77 32.55
C TYR A 258 11.89 -4.58 31.99
N ASP A 259 10.73 -3.94 31.87
CA ASP A 259 9.49 -4.55 31.37
C ASP A 259 9.37 -4.57 29.83
N ILE A 260 10.40 -4.07 29.08
CA ILE A 260 10.38 -4.09 27.62
C ILE A 260 10.48 -5.55 27.17
N PRO A 261 9.55 -6.02 26.32
CA PRO A 261 9.65 -7.38 25.78
C PRO A 261 10.93 -7.52 24.98
N HIS A 262 11.67 -8.62 25.20
CA HIS A 262 12.94 -8.93 24.52
C HIS A 262 14.02 -7.88 24.72
N ARG A 263 14.02 -7.22 25.91
CA ARG A 263 14.94 -6.16 26.30
C ARG A 263 16.41 -6.49 26.00
N ALA A 264 16.89 -7.66 26.49
CA ALA A 264 18.27 -8.10 26.29
C ALA A 264 18.63 -8.19 24.82
N ARG A 265 17.80 -8.88 24.04
CA ARG A 265 17.99 -9.06 22.60
C ARG A 265 17.98 -7.73 21.83
N MET A 266 17.09 -6.79 22.23
CA MET A 266 16.97 -5.46 21.64
C MET A 266 18.18 -4.56 21.96
N ILE A 267 18.71 -4.64 23.20
CA ILE A 267 19.89 -3.88 23.57
C ILE A 267 21.06 -4.34 22.72
N SER A 268 21.18 -5.66 22.53
CA SER A 268 22.21 -6.28 21.71
C SER A 268 22.15 -5.78 20.27
N LEU A 269 20.94 -5.71 19.66
CA LEU A 269 20.74 -5.24 18.30
C LEU A 269 21.16 -3.76 18.19
N ILE A 270 20.64 -2.91 19.11
CA ILE A 270 20.96 -1.48 19.22
C ILE A 270 22.48 -1.31 19.32
N GLU A 271 23.12 -1.99 20.27
CA GLU A 271 24.58 -1.87 20.47
C GLU A 271 25.41 -2.31 19.28
N SER A 272 24.95 -3.31 18.52
CA SER A 272 25.71 -3.73 17.35
C SER A 272 25.51 -2.77 16.19
N GLY A 273 24.29 -2.23 16.08
CA GLY A 273 23.87 -1.26 15.07
C GLY A 273 24.60 0.05 15.13
N TRP A 274 24.88 0.57 16.36
CA TRP A 274 25.56 1.84 16.52
C TRP A 274 27.03 1.68 16.92
N ALA A 275 27.64 0.51 16.63
CA ALA A 275 29.06 0.19 16.89
C ALA A 275 29.97 1.28 16.33
N GLN A 276 31.02 1.66 17.10
CA GLN A 276 31.99 2.65 16.63
C GLN A 276 32.63 2.25 15.28
N ASN A 277 32.99 0.96 15.15
CA ASN A 277 33.57 0.40 13.92
C ASN A 277 32.45 0.09 12.95
N PRO A 278 32.37 0.78 11.79
CA PRO A 278 31.29 0.46 10.81
C PRO A 278 31.23 -1.02 10.39
N ASP A 279 32.42 -1.70 10.24
CA ASP A 279 32.53 -3.10 9.85
C ASP A 279 31.81 -4.05 10.81
N GLU A 280 31.66 -3.65 12.07
CA GLU A 280 31.02 -4.46 13.12
C GLU A 280 29.51 -4.28 13.22
N ARG A 281 28.96 -3.32 12.49
CA ARG A 281 27.53 -3.05 12.44
C ARG A 281 26.91 -4.11 11.52
N PRO A 282 25.71 -4.65 11.83
CA PRO A 282 25.13 -5.65 10.95
C PRO A 282 24.54 -5.10 9.64
N SER A 283 24.26 -6.01 8.68
CA SER A 283 23.56 -5.70 7.45
C SER A 283 22.08 -5.71 7.89
N PHE A 284 21.16 -5.14 7.11
CA PHE A 284 19.74 -5.17 7.43
C PHE A 284 19.18 -6.60 7.34
N LEU A 285 19.81 -7.45 6.52
CA LEU A 285 19.42 -8.85 6.39
C LEU A 285 19.62 -9.57 7.74
N LYS A 286 20.80 -9.41 8.34
CA LYS A 286 21.16 -9.99 9.61
C LYS A 286 20.22 -9.46 10.69
N CYS A 287 19.95 -8.19 10.63
CA CYS A 287 19.04 -7.47 11.51
C CYS A 287 17.61 -8.03 11.42
N LEU A 288 17.14 -8.34 10.20
CA LEU A 288 15.82 -8.92 9.99
C LEU A 288 15.72 -10.35 10.48
N ILE A 289 16.79 -11.14 10.26
CA ILE A 289 16.85 -12.53 10.67
C ILE A 289 16.75 -12.64 12.22
N GLU A 290 17.22 -11.60 12.94
CA GLU A 290 17.17 -11.46 14.38
C GLU A 290 15.80 -10.99 14.88
N LEU A 291 15.19 -10.01 14.18
CA LEU A 291 13.86 -9.44 14.49
C LEU A 291 12.68 -10.39 14.20
N GLU A 292 12.77 -11.23 13.13
CA GLU A 292 11.70 -12.16 12.74
C GLU A 292 11.20 -13.04 13.93
N PRO A 293 12.06 -13.75 14.72
CA PRO A 293 11.53 -14.51 15.86
C PRO A 293 10.87 -13.67 16.96
N VAL A 294 11.25 -12.38 17.09
CA VAL A 294 10.67 -11.45 18.08
C VAL A 294 9.24 -11.09 17.67
N LEU A 295 9.04 -10.73 16.39
CA LEU A 295 7.74 -10.36 15.87
C LEU A 295 6.75 -11.50 15.88
N ARG A 296 7.22 -12.73 15.81
CA ARG A 296 6.36 -13.91 15.83
C ARG A 296 5.77 -14.19 17.21
N THR A 297 6.33 -13.57 18.28
CA THR A 297 5.82 -13.73 19.66
C THR A 297 4.52 -12.98 19.90
N PHE A 298 4.19 -11.99 19.03
CA PHE A 298 2.98 -11.19 19.14
C PHE A 298 1.88 -11.75 18.28
N GLU A 299 0.67 -11.90 18.87
CA GLU A 299 -0.48 -12.40 18.12
C GLU A 299 -0.98 -11.29 17.20
N GLU A 300 -1.52 -11.63 16.06
CA GLU A 300 -1.95 -10.67 15.07
C GLU A 300 -2.92 -9.62 15.59
N ILE A 301 -3.94 -10.03 16.33
CA ILE A 301 -4.95 -9.13 16.90
C ILE A 301 -4.36 -8.06 17.82
N THR A 302 -3.20 -8.31 18.43
CA THR A 302 -2.61 -7.34 19.36
C THR A 302 -2.14 -6.07 18.64
N PHE A 303 -1.86 -6.18 17.31
CA PHE A 303 -1.48 -5.02 16.49
C PHE A 303 -2.68 -4.15 16.21
N LEU A 304 -3.84 -4.79 15.92
CA LEU A 304 -5.10 -4.10 15.66
C LEU A 304 -5.60 -3.40 16.91
N GLU A 305 -5.49 -4.09 18.05
CA GLU A 305 -5.87 -3.57 19.37
C GLU A 305 -5.01 -2.36 19.73
N ALA A 306 -3.69 -2.38 19.39
CA ALA A 306 -2.77 -1.27 19.67
C ALA A 306 -3.16 -0.01 18.93
N VAL A 307 -3.59 -0.17 17.66
CA VAL A 307 -4.05 0.90 16.79
C VAL A 307 -5.39 1.46 17.27
N ILE A 308 -6.37 0.61 17.62
CA ILE A 308 -7.69 1.08 18.09
C ILE A 308 -7.56 1.91 19.38
N GLN A 309 -6.54 1.62 20.22
CA GLN A 309 -6.26 2.34 21.46
C GLN A 309 -5.81 3.77 21.15
N LEU A 310 -5.16 3.97 20.01
CA LEU A 310 -4.60 5.26 19.61
C LEU A 310 -5.61 6.29 19.09
N LYS A 311 -5.51 7.54 19.59
CA LYS A 311 -6.25 8.74 19.17
C LYS A 311 -6.20 8.94 17.64
N ALA B 6 11.51 12.80 -18.98
CA ALA B 6 10.57 11.89 -18.33
C ALA B 6 11.25 10.97 -17.29
N ILE B 7 10.44 10.41 -16.36
CA ILE B 7 10.92 9.54 -15.26
C ILE B 7 10.39 8.07 -15.43
N CYS B 8 11.30 7.09 -15.70
CA CYS B 8 10.89 5.70 -15.88
C CYS B 8 11.40 4.73 -14.78
N SER B 9 10.62 3.68 -14.46
CA SER B 9 10.89 2.67 -13.44
C SER B 9 10.81 1.27 -14.08
N ALA B 10 11.83 0.44 -13.86
CA ALA B 10 11.86 -0.89 -14.43
C ALA B 10 11.33 -1.90 -13.43
N LEU B 11 10.55 -2.87 -13.92
CA LEU B 11 10.01 -3.88 -13.04
C LEU B 11 11.13 -4.89 -12.73
N PRO B 12 11.44 -5.13 -11.43
CA PRO B 12 12.51 -6.08 -11.11
C PRO B 12 12.19 -7.50 -11.59
N THR B 13 13.26 -8.25 -11.88
CA THR B 13 13.20 -9.66 -12.28
C THR B 13 13.59 -10.45 -11.05
N ILE B 14 12.79 -11.45 -10.71
CA ILE B 14 13.03 -12.21 -9.50
C ILE B 14 13.48 -13.61 -9.84
N PRO B 15 14.73 -14.02 -9.51
CA PRO B 15 15.12 -15.42 -9.75
C PRO B 15 14.20 -16.34 -8.94
N TYR B 16 13.71 -17.40 -9.57
CA TYR B 16 12.82 -18.40 -8.97
C TYR B 16 13.35 -18.94 -7.62
N HIS B 17 14.67 -19.17 -7.51
CA HIS B 17 15.29 -19.68 -6.28
C HIS B 17 15.18 -18.71 -5.08
N LYS B 18 14.76 -17.44 -5.30
CA LYS B 18 14.58 -16.42 -4.26
C LYS B 18 13.22 -16.56 -3.61
N LEU B 19 12.32 -17.31 -4.25
CA LEU B 19 10.95 -17.58 -3.75
C LEU B 19 10.96 -18.86 -2.91
N ALA B 20 11.08 -18.72 -1.59
CA ALA B 20 11.13 -19.83 -0.64
C ALA B 20 9.71 -20.13 -0.12
N ASP B 21 9.51 -21.32 0.47
CA ASP B 21 8.21 -21.79 1.00
C ASP B 21 7.09 -21.65 -0.02
N LEU B 22 7.35 -22.03 -1.28
CA LEU B 22 6.35 -21.91 -2.36
C LEU B 22 5.22 -22.90 -2.10
N ARG B 23 4.04 -22.38 -1.72
CA ARG B 23 2.88 -23.19 -1.38
C ARG B 23 1.72 -22.78 -2.20
N TYR B 24 1.01 -23.79 -2.77
CA TYR B 24 -0.21 -23.64 -3.57
C TYR B 24 -1.32 -22.92 -2.75
N LEU B 25 -1.99 -21.91 -3.36
CA LEU B 25 -3.12 -21.22 -2.72
C LEU B 25 -4.42 -21.64 -3.41
N SER B 26 -4.49 -21.42 -4.74
CA SER B 26 -5.63 -21.71 -5.57
C SER B 26 -5.23 -21.86 -7.05
N ARG B 27 -6.16 -22.39 -7.87
CA ARG B 27 -6.01 -22.61 -9.31
C ARG B 27 -7.25 -22.07 -10.04
N GLY B 28 -7.02 -21.38 -11.15
CA GLY B 28 -8.10 -20.79 -11.96
C GLY B 28 -7.73 -20.57 -13.42
N ALA B 29 -8.62 -19.89 -14.16
CA ALA B 29 -8.43 -19.57 -15.58
C ALA B 29 -7.26 -18.61 -15.77
N GLY B 31 -4.27 -17.86 -13.92
CA GLY B 31 -3.61 -19.14 -13.68
C GLY B 31 -3.61 -19.62 -12.23
N THR B 32 -2.53 -20.34 -11.82
CA THR B 32 -2.35 -20.85 -10.44
C THR B 32 -1.75 -19.73 -9.59
N VAL B 33 -2.18 -19.62 -8.34
CA VAL B 33 -1.67 -18.64 -7.38
C VAL B 33 -1.00 -19.39 -6.21
N SER B 34 0.24 -19.00 -5.87
CA SER B 34 0.98 -19.58 -4.77
C SER B 34 1.50 -18.50 -3.85
N SER B 35 1.66 -18.81 -2.57
CA SER B 35 2.27 -17.89 -1.62
C SER B 35 3.73 -18.34 -1.47
N ALA B 36 4.61 -17.39 -1.17
CA ALA B 36 6.02 -17.66 -0.95
C ALA B 36 6.57 -16.54 -0.10
N ARG B 37 7.86 -16.61 0.20
CA ARG B 37 8.57 -15.56 0.87
C ARG B 37 9.83 -15.22 0.08
N HIS B 38 10.07 -13.90 -0.15
CA HIS B 38 11.29 -13.48 -0.83
C HIS B 38 12.47 -13.64 0.11
N ALA B 39 13.45 -14.47 -0.30
CA ALA B 39 14.64 -14.81 0.47
C ALA B 39 15.47 -13.59 0.87
N ASP B 40 15.54 -12.56 0.00
CA ASP B 40 16.32 -11.37 0.29
C ASP B 40 15.49 -10.23 0.91
N TRP B 41 14.24 -10.06 0.48
CA TRP B 41 13.38 -8.96 0.94
C TRP B 41 12.66 -9.24 2.25
N ARG B 42 12.66 -10.53 2.67
CA ARG B 42 12.10 -11.02 3.92
C ARG B 42 10.61 -10.66 4.08
N VAL B 43 9.85 -10.70 2.98
CA VAL B 43 8.42 -10.39 2.94
C VAL B 43 7.68 -11.55 2.33
N GLN B 44 6.38 -11.69 2.67
CA GLN B 44 5.51 -12.71 2.07
C GLN B 44 5.08 -12.12 0.75
N VAL B 45 5.01 -12.97 -0.27
CA VAL B 45 4.59 -12.56 -1.62
C VAL B 45 3.54 -13.57 -2.15
N ALA B 46 2.84 -13.19 -3.21
CA ALA B 46 1.93 -14.05 -3.95
C ALA B 46 2.49 -14.16 -5.36
N VAL B 47 2.40 -15.35 -5.96
CA VAL B 47 2.91 -15.60 -7.30
C VAL B 47 1.77 -16.16 -8.15
N LYS B 48 1.33 -15.41 -9.18
CA LYS B 48 0.34 -15.93 -10.13
C LYS B 48 1.18 -16.50 -11.26
N HIS B 49 1.25 -17.83 -11.35
CA HIS B 49 2.08 -18.52 -12.35
C HIS B 49 1.29 -19.48 -13.22
N LEU B 50 1.97 -20.02 -14.25
CA LEU B 50 1.36 -20.99 -15.15
C LEU B 50 1.40 -22.38 -14.55
N HIS B 51 0.29 -23.09 -14.75
CA HIS B 51 0.01 -24.44 -14.28
C HIS B 51 1.12 -25.41 -14.70
N ILE B 52 1.95 -25.85 -13.71
CA ILE B 52 3.06 -26.77 -13.93
C ILE B 52 2.59 -28.22 -14.15
N PRO B 55 3.99 -27.40 -18.51
CA PRO B 55 4.14 -27.00 -19.93
C PRO B 55 4.16 -25.49 -20.12
N LEU B 56 5.16 -24.96 -20.89
CA LEU B 56 5.32 -23.51 -21.13
C LEU B 56 5.21 -23.07 -22.61
N LEU B 57 3.97 -22.77 -23.03
CA LEU B 57 3.56 -22.26 -24.34
C LEU B 57 4.00 -20.79 -24.45
N ASP B 58 4.51 -20.38 -25.63
CA ASP B 58 4.98 -19.01 -25.85
C ASP B 58 3.84 -17.98 -26.04
N SER B 59 2.59 -18.46 -26.20
CA SER B 59 1.38 -17.64 -26.34
C SER B 59 0.92 -17.22 -24.94
N GLU B 60 1.07 -18.15 -23.96
CA GLU B 60 0.74 -17.99 -22.55
C GLU B 60 1.79 -17.09 -21.91
N ARG B 61 3.04 -17.17 -22.41
CA ARG B 61 4.18 -16.38 -21.98
C ARG B 61 3.93 -14.90 -22.24
N LYS B 62 3.51 -14.56 -23.48
CA LYS B 62 3.15 -13.21 -23.92
C LYS B 62 1.98 -12.67 -23.11
N ASP B 63 1.04 -13.53 -22.72
CA ASP B 63 -0.12 -13.15 -21.92
C ASP B 63 0.26 -12.68 -20.53
N VAL B 64 1.14 -13.44 -19.83
CA VAL B 64 1.66 -13.12 -18.49
C VAL B 64 2.43 -11.79 -18.52
N LEU B 65 3.36 -11.63 -19.47
CA LEU B 65 4.19 -10.42 -19.61
C LEU B 65 3.34 -9.19 -19.97
N ARG B 66 2.19 -9.42 -20.61
CA ARG B 66 1.27 -8.36 -20.96
C ARG B 66 0.59 -7.84 -19.68
N GLU B 67 0.14 -8.76 -18.80
CA GLU B 67 -0.52 -8.43 -17.55
C GLU B 67 0.48 -7.80 -16.57
N ALA B 68 1.70 -8.35 -16.48
CA ALA B 68 2.78 -7.86 -15.67
C ALA B 68 3.06 -6.39 -16.03
N GLU B 69 3.06 -6.04 -17.34
CA GLU B 69 3.26 -4.67 -17.80
C GLU B 69 2.09 -3.74 -17.47
N ILE B 70 0.84 -4.23 -17.56
CA ILE B 70 -0.35 -3.46 -17.23
C ILE B 70 -0.31 -3.14 -15.73
N LEU B 71 -0.06 -4.15 -14.87
CA LEU B 71 0.03 -3.96 -13.41
C LEU B 71 1.13 -2.99 -12.98
N HIS B 72 2.27 -3.04 -13.65
CA HIS B 72 3.40 -2.16 -13.41
C HIS B 72 3.01 -0.73 -13.75
N LYS B 73 2.36 -0.52 -14.94
CA LYS B 73 1.92 0.78 -15.41
C LYS B 73 0.73 1.38 -14.62
N ALA B 74 -0.18 0.52 -14.13
CA ALA B 74 -1.41 0.86 -13.39
C ALA B 74 -1.25 0.99 -11.85
N ARG B 75 -0.03 1.05 -11.34
CA ARG B 75 0.22 1.21 -9.89
C ARG B 75 -0.60 2.34 -9.31
N PHE B 76 -1.33 2.05 -8.24
CA PHE B 76 -2.17 2.98 -7.48
C PHE B 76 -2.53 2.33 -6.14
N SER B 77 -3.03 3.15 -5.21
CA SER B 77 -3.38 2.75 -3.85
C SER B 77 -4.36 1.62 -3.77
N TYR B 78 -5.22 1.44 -4.78
CA TYR B 78 -6.27 0.40 -4.74
C TYR B 78 -6.07 -0.73 -5.79
N ILE B 79 -4.88 -0.80 -6.39
CA ILE B 79 -4.49 -1.81 -7.37
C ILE B 79 -3.49 -2.76 -6.72
N LEU B 80 -3.61 -4.08 -6.97
CA LEU B 80 -2.66 -5.06 -6.45
C LEU B 80 -1.21 -4.65 -6.83
N PRO B 81 -0.33 -4.41 -5.83
CA PRO B 81 1.03 -3.94 -6.19
C PRO B 81 1.90 -5.08 -6.66
N ILE B 82 2.42 -4.93 -7.88
CA ILE B 82 3.34 -5.89 -8.48
C ILE B 82 4.73 -5.62 -7.89
N LEU B 83 5.43 -6.70 -7.49
CA LEU B 83 6.77 -6.63 -6.89
C LEU B 83 7.90 -6.97 -7.88
N GLY B 84 7.57 -7.80 -8.86
CA GLY B 84 8.51 -8.23 -9.88
C GLY B 84 7.92 -9.29 -10.79
N ILE B 85 8.71 -9.67 -11.80
CA ILE B 85 8.36 -10.71 -12.76
C ILE B 85 9.37 -11.84 -12.57
N CYS B 86 8.87 -13.06 -12.53
CA CYS B 86 9.74 -14.21 -12.42
C CYS B 86 9.73 -14.88 -13.81
N ASN B 87 10.73 -14.58 -14.64
CA ASN B 87 10.77 -15.05 -16.02
C ASN B 87 11.97 -15.96 -16.29
N GLU B 88 11.71 -17.27 -16.35
CA GLU B 88 12.75 -18.29 -16.51
C GLU B 88 12.32 -19.40 -17.47
N PRO B 89 13.27 -20.14 -18.13
CA PRO B 89 12.86 -21.26 -19.00
C PRO B 89 12.02 -22.31 -18.25
N GLU B 90 12.32 -22.47 -16.96
CA GLU B 90 11.68 -23.39 -16.02
C GLU B 90 10.31 -22.89 -15.52
N PHE B 91 10.22 -21.59 -15.14
CA PHE B 91 9.03 -21.02 -14.50
C PHE B 91 8.72 -19.60 -14.95
N LEU B 92 7.43 -19.22 -14.94
CA LEU B 92 6.98 -17.89 -15.32
C LEU B 92 5.80 -17.42 -14.47
N GLY B 93 5.99 -16.32 -13.76
CA GLY B 93 4.95 -15.78 -12.88
C GLY B 93 5.11 -14.31 -12.50
N ILE B 94 4.00 -13.73 -12.07
CA ILE B 94 3.89 -12.35 -11.59
C ILE B 94 3.95 -12.37 -10.07
N VAL B 95 4.95 -11.72 -9.50
CA VAL B 95 5.11 -11.66 -8.06
C VAL B 95 4.49 -10.34 -7.55
N THR B 96 3.53 -10.47 -6.63
CA THR B 96 2.85 -9.31 -6.02
C THR B 96 2.91 -9.40 -4.49
N GLU B 97 2.38 -8.38 -3.82
CA GLU B 97 2.25 -8.38 -2.37
C GLU B 97 1.23 -9.44 -1.96
N TYR B 98 1.44 -10.06 -0.81
CA TYR B 98 0.49 -11.04 -0.30
C TYR B 98 -0.68 -10.32 0.40
N MET B 99 -1.92 -10.70 0.06
CA MET B 99 -3.16 -10.15 0.62
C MET B 99 -3.63 -11.13 1.69
N PRO B 100 -3.31 -10.89 3.00
CA PRO B 100 -3.63 -11.92 4.03
C PRO B 100 -5.10 -12.22 4.23
N ASN B 101 -5.99 -11.30 3.88
CA ASN B 101 -7.42 -11.51 4.08
C ASN B 101 -8.18 -11.98 2.83
N GLY B 102 -7.46 -12.47 1.84
CA GLY B 102 -8.08 -13.06 0.66
C GLY B 102 -8.92 -12.15 -0.20
N SER B 103 -10.10 -12.65 -0.61
CA SER B 103 -11.00 -11.95 -1.50
C SER B 103 -12.28 -11.48 -0.88
N LEU B 104 -12.95 -10.56 -1.58
CA LEU B 104 -14.24 -10.07 -1.19
C LEU B 104 -15.29 -11.21 -1.27
N ASN B 105 -15.10 -12.14 -2.23
CA ASN B 105 -15.96 -13.30 -2.39
C ASN B 105 -16.09 -14.11 -1.10
N GLU B 106 -14.95 -14.46 -0.47
CA GLU B 106 -14.89 -15.24 0.76
C GLU B 106 -15.49 -14.46 1.91
N LEU B 107 -15.17 -13.14 2.02
CA LEU B 107 -15.72 -12.29 3.09
C LEU B 107 -17.26 -12.29 3.09
N LEU B 108 -17.85 -12.19 1.90
CA LEU B 108 -19.28 -12.11 1.72
C LEU B 108 -20.02 -13.41 1.92
N HIS B 109 -19.44 -14.51 1.40
CA HIS B 109 -20.13 -15.78 1.35
C HIS B 109 -19.71 -16.79 2.42
N ARG B 110 -18.58 -16.57 3.12
CA ARG B 110 -18.21 -17.47 4.23
C ARG B 110 -18.91 -16.94 5.53
N LYS B 111 -20.22 -17.17 5.61
CA LYS B 111 -21.10 -16.67 6.67
C LYS B 111 -20.88 -17.26 8.05
N THR B 112 -20.27 -18.47 8.18
CA THR B 112 -20.02 -19.03 9.51
C THR B 112 -18.77 -18.35 10.06
N GLU B 113 -17.77 -18.18 9.20
CA GLU B 113 -16.51 -17.54 9.54
C GLU B 113 -16.75 -16.05 9.84
N TYR B 114 -17.63 -15.42 9.05
CA TYR B 114 -17.93 -14.01 9.19
C TYR B 114 -19.44 -13.79 9.35
N PRO B 115 -20.04 -14.01 10.54
CA PRO B 115 -21.49 -13.77 10.69
C PRO B 115 -21.92 -12.32 10.43
N ASP B 116 -21.05 -11.36 10.80
CA ASP B 116 -21.30 -9.94 10.61
C ASP B 116 -20.16 -9.28 9.89
N VAL B 117 -20.51 -8.50 8.88
CA VAL B 117 -19.58 -7.68 8.09
C VAL B 117 -20.24 -6.32 8.19
N ALA B 118 -19.75 -5.51 9.13
CA ALA B 118 -20.34 -4.22 9.43
C ALA B 118 -20.48 -3.32 8.21
N TRP B 119 -21.58 -2.59 8.15
CA TRP B 119 -21.88 -1.64 7.08
C TRP B 119 -20.72 -0.69 6.79
N PRO B 120 -20.04 -0.01 7.76
CA PRO B 120 -18.92 0.89 7.40
C PRO B 120 -17.85 0.24 6.49
N LEU B 121 -17.44 -0.99 6.83
CA LEU B 121 -16.44 -1.71 6.06
C LEU B 121 -16.96 -2.04 4.66
N ARG B 122 -18.23 -2.46 4.55
CA ARG B 122 -18.84 -2.76 3.26
C ARG B 122 -18.82 -1.52 2.34
N PHE B 123 -19.20 -0.36 2.87
CA PHE B 123 -19.20 0.89 2.14
C PHE B 123 -17.78 1.34 1.78
N ARG B 124 -16.79 1.12 2.69
CA ARG B 124 -15.39 1.46 2.45
C ARG B 124 -14.84 0.61 1.31
N ILE B 125 -15.12 -0.70 1.31
CA ILE B 125 -14.72 -1.61 0.23
C ILE B 125 -15.29 -1.08 -1.11
N LEU B 126 -16.59 -0.75 -1.16
CA LEU B 126 -17.23 -0.24 -2.36
C LEU B 126 -16.63 1.08 -2.84
N HIS B 127 -16.25 1.97 -1.88
CA HIS B 127 -15.62 3.25 -2.19
C HIS B 127 -14.26 2.99 -2.83
N GLU B 128 -13.47 2.10 -2.21
CA GLU B 128 -12.12 1.79 -2.69
C GLU B 128 -12.10 1.07 -4.03
N ILE B 129 -13.12 0.17 -4.32
CA ILE B 129 -13.25 -0.45 -5.63
C ILE B 129 -13.46 0.65 -6.66
N ALA B 130 -14.40 1.59 -6.37
CA ALA B 130 -14.69 2.71 -7.26
C ALA B 130 -13.47 3.63 -7.46
N LEU B 131 -12.66 3.87 -6.41
CA LEU B 131 -11.42 4.66 -6.49
C LEU B 131 -10.39 4.01 -7.39
N GLY B 132 -10.20 2.69 -7.23
CA GLY B 132 -9.30 1.89 -8.05
C GLY B 132 -9.67 1.93 -9.51
N VAL B 133 -10.95 1.60 -9.85
CA VAL B 133 -11.44 1.58 -11.25
C VAL B 133 -11.44 2.96 -11.87
N ASN B 134 -11.84 3.99 -11.10
CA ASN B 134 -11.82 5.38 -11.60
C ASN B 134 -10.39 5.76 -12.04
N TYR B 135 -9.35 5.39 -11.23
CA TYR B 135 -7.95 5.65 -11.58
C TYR B 135 -7.61 5.05 -12.95
N LEU B 136 -7.97 3.76 -13.16
CA LEU B 136 -7.74 3.03 -14.42
C LEU B 136 -8.34 3.78 -15.60
N HIS B 137 -9.60 4.20 -15.45
CA HIS B 137 -10.36 4.94 -16.48
C HIS B 137 -9.80 6.32 -16.77
N ASN B 138 -9.05 6.89 -15.81
CA ASN B 138 -8.44 8.22 -15.92
C ASN B 138 -6.98 8.24 -16.42
N MET B 139 -6.46 7.06 -16.81
CA MET B 139 -5.10 6.92 -17.38
C MET B 139 -5.09 7.35 -18.84
N THR B 140 -3.91 7.60 -19.41
CA THR B 140 -3.79 7.98 -20.83
C THR B 140 -2.93 6.92 -21.55
N PRO B 141 -3.52 5.99 -22.35
CA PRO B 141 -4.96 5.84 -22.63
C PRO B 141 -5.66 5.18 -21.45
N PRO B 142 -7.01 5.26 -21.31
CA PRO B 142 -7.63 4.63 -20.14
C PRO B 142 -7.45 3.11 -20.16
N LEU B 143 -7.35 2.54 -18.97
CA LEU B 143 -7.26 1.10 -18.87
C LEU B 143 -8.62 0.62 -18.36
N LEU B 144 -9.15 -0.40 -19.00
CA LEU B 144 -10.45 -0.99 -18.71
C LEU B 144 -10.17 -2.37 -18.14
N HIS B 145 -10.62 -2.64 -16.92
CA HIS B 145 -10.37 -3.91 -16.26
C HIS B 145 -10.94 -5.12 -17.02
N HIS B 146 -12.25 -5.10 -17.28
CA HIS B 146 -13.02 -6.08 -18.04
C HIS B 146 -13.19 -7.44 -17.40
N ASP B 147 -12.82 -7.59 -16.14
CA ASP B 147 -13.04 -8.86 -15.44
C ASP B 147 -13.23 -8.64 -13.96
N LEU B 148 -13.96 -7.60 -13.56
CA LEU B 148 -14.19 -7.34 -12.16
C LEU B 148 -15.20 -8.36 -11.62
N LYS B 149 -14.90 -8.90 -10.44
CA LYS B 149 -15.71 -9.86 -9.71
C LYS B 149 -15.30 -9.81 -8.27
N THR B 150 -16.16 -10.28 -7.34
CA THR B 150 -15.80 -10.31 -5.91
C THR B 150 -14.53 -11.20 -5.68
N GLN B 151 -14.23 -12.18 -6.56
CA GLN B 151 -13.03 -13.03 -6.50
C GLN B 151 -11.71 -12.26 -6.76
N ASN B 152 -11.79 -11.12 -7.49
CA ASN B 152 -10.70 -10.23 -7.96
C ASN B 152 -10.49 -8.98 -7.11
N ILE B 153 -11.31 -8.80 -6.08
CA ILE B 153 -11.18 -7.70 -5.15
C ILE B 153 -10.53 -8.34 -3.93
N LEU B 154 -9.20 -8.18 -3.84
CA LEU B 154 -8.42 -8.75 -2.75
C LEU B 154 -8.39 -7.77 -1.57
N LEU B 155 -8.21 -8.31 -0.37
CA LEU B 155 -8.25 -7.54 0.85
C LEU B 155 -6.97 -7.69 1.68
N ASP B 156 -6.28 -6.58 1.96
CA ASP B 156 -5.04 -6.60 2.77
C ASP B 156 -5.32 -6.85 4.26
N ASN B 157 -4.30 -6.70 5.13
CA ASN B 157 -4.40 -6.95 6.57
C ASN B 157 -5.44 -6.15 7.29
N GLU B 158 -5.77 -4.98 6.76
CA GLU B 158 -6.78 -4.14 7.39
C GLU B 158 -8.01 -4.00 6.52
N PHE B 159 -8.21 -4.96 5.60
CA PHE B 159 -9.37 -5.08 4.72
C PHE B 159 -9.51 -3.87 3.78
N HIS B 160 -8.37 -3.37 3.32
CA HIS B 160 -8.31 -2.36 2.29
C HIS B 160 -8.22 -3.12 0.96
N VAL B 161 -8.88 -2.55 -0.04
CA VAL B 161 -9.00 -3.14 -1.37
C VAL B 161 -7.74 -3.05 -2.23
N LYS B 162 -7.47 -4.14 -2.95
CA LYS B 162 -6.45 -4.27 -3.97
C LYS B 162 -7.12 -5.05 -5.11
N ILE B 163 -7.35 -4.38 -6.24
CA ILE B 163 -7.94 -4.96 -7.45
C ILE B 163 -6.88 -5.84 -8.13
N ALA B 164 -7.26 -7.08 -8.48
CA ALA B 164 -6.37 -8.05 -9.12
C ALA B 164 -6.94 -8.54 -10.47
N ASP B 165 -6.26 -9.52 -11.11
CA ASP B 165 -6.57 -10.16 -12.40
C ASP B 165 -6.78 -9.17 -13.55
N PHE B 166 -5.69 -8.77 -14.20
CA PHE B 166 -5.69 -7.84 -15.34
C PHE B 166 -5.54 -8.58 -16.68
N GLY B 167 -5.87 -9.87 -16.68
CA GLY B 167 -5.78 -10.77 -17.82
C GLY B 167 -6.66 -10.46 -19.00
N LEU B 168 -7.83 -9.86 -18.76
CA LEU B 168 -8.74 -9.47 -19.83
C LEU B 168 -8.73 -7.96 -20.03
N SER B 169 -7.95 -7.24 -19.23
CA SER B 169 -7.86 -5.79 -19.27
C SER B 169 -7.34 -5.29 -20.61
N LYS B 170 -7.73 -4.08 -20.99
CA LYS B 170 -7.39 -3.49 -22.29
C LYS B 170 -7.22 -2.00 -22.18
N TRP B 171 -6.38 -1.45 -23.07
CA TRP B 171 -6.15 -0.02 -23.19
C TRP B 171 -7.19 0.50 -24.19
N ARG B 172 -7.98 1.52 -23.84
CA ARG B 172 -8.94 2.06 -24.80
C ARG B 172 -8.19 2.87 -25.87
N MET B 173 -7.86 2.20 -26.98
CA MET B 173 -7.14 2.76 -28.12
C MET B 173 -7.96 2.54 -29.39
N GLU B 187 -10.57 -20.65 -22.45
CA GLU B 187 -11.53 -21.04 -21.40
C GLU B 187 -11.59 -20.07 -20.20
N GLY B 188 -12.80 -19.86 -19.67
CA GLY B 188 -13.06 -18.99 -18.53
C GLY B 188 -14.07 -19.51 -17.53
N GLY B 189 -14.55 -18.62 -16.67
CA GLY B 189 -15.55 -18.88 -15.63
C GLY B 189 -16.90 -18.17 -15.76
N THR B 190 -17.35 -17.60 -14.63
CA THR B 190 -18.64 -16.92 -14.44
C THR B 190 -18.88 -15.75 -15.41
N ILE B 191 -20.17 -15.52 -15.71
CA ILE B 191 -20.64 -14.49 -16.64
C ILE B 191 -21.56 -13.47 -15.92
N ILE B 192 -21.79 -13.65 -14.61
CA ILE B 192 -22.73 -12.87 -13.81
C ILE B 192 -22.36 -11.36 -13.70
N TYR B 193 -21.10 -10.99 -13.98
CA TYR B 193 -20.66 -9.57 -13.89
C TYR B 193 -20.51 -8.95 -15.28
N MET B 194 -20.81 -9.74 -16.30
CA MET B 194 -20.67 -9.34 -17.69
C MET B 194 -21.94 -8.68 -18.25
N PRO B 195 -21.78 -7.44 -18.81
CA PRO B 195 -22.93 -6.75 -19.40
C PRO B 195 -23.50 -7.55 -20.58
N PRO B 196 -24.84 -7.52 -20.82
CA PRO B 196 -25.40 -8.34 -21.92
C PRO B 196 -24.85 -8.05 -23.31
N GLU B 197 -24.31 -6.84 -23.55
CA GLU B 197 -23.78 -6.50 -24.88
C GLU B 197 -22.43 -7.18 -25.16
N ASN B 198 -21.80 -7.72 -24.13
CA ASN B 198 -20.53 -8.39 -24.28
C ASN B 198 -20.67 -9.90 -24.59
N TYR B 199 -21.89 -10.41 -24.60
CA TYR B 199 -22.19 -11.82 -24.80
C TYR B 199 -21.76 -12.36 -26.17
N GLU B 200 -22.21 -11.69 -27.23
CA GLU B 200 -21.97 -12.05 -28.62
C GLU B 200 -20.87 -11.19 -29.27
N PRO B 201 -20.34 -11.54 -30.48
CA PRO B 201 -19.26 -10.73 -31.08
C PRO B 201 -19.75 -9.52 -31.87
N SER B 208 -15.76 -1.50 -24.79
CA SER B 208 -16.69 -0.51 -24.23
C SER B 208 -16.18 -0.02 -22.90
N ILE B 209 -16.24 1.31 -22.68
CA ILE B 209 -15.84 1.89 -21.39
C ILE B 209 -16.94 1.61 -20.34
N LYS B 210 -18.18 1.27 -20.77
CA LYS B 210 -19.30 1.01 -19.87
C LYS B 210 -19.41 -0.46 -19.35
N HIS B 211 -18.37 -1.27 -19.52
CA HIS B 211 -18.37 -2.66 -19.03
C HIS B 211 -18.14 -2.68 -17.51
N ASP B 212 -17.06 -2.04 -17.02
CA ASP B 212 -16.66 -2.07 -15.63
C ASP B 212 -17.74 -1.59 -14.65
N ILE B 213 -18.52 -0.57 -15.04
CA ILE B 213 -19.58 -0.02 -14.20
C ILE B 213 -20.70 -1.05 -13.99
N TYR B 214 -21.00 -1.87 -15.03
CA TYR B 214 -21.97 -2.97 -14.96
C TYR B 214 -21.48 -3.99 -13.90
N SER B 215 -20.23 -4.49 -14.05
CA SER B 215 -19.62 -5.44 -13.10
C SER B 215 -19.67 -4.85 -11.70
N TYR B 216 -19.39 -3.55 -11.57
CA TYR B 216 -19.40 -2.82 -10.29
C TYR B 216 -20.81 -2.78 -9.64
N ALA B 217 -21.88 -2.57 -10.44
CA ALA B 217 -23.26 -2.59 -9.94
C ALA B 217 -23.63 -3.98 -9.36
N VAL B 218 -23.17 -5.07 -10.03
CA VAL B 218 -23.42 -6.44 -9.56
C VAL B 218 -22.66 -6.66 -8.24
N ILE B 219 -21.37 -6.22 -8.18
CA ILE B 219 -20.54 -6.30 -6.97
C ILE B 219 -21.22 -5.59 -5.81
N THR B 220 -21.77 -4.36 -6.06
CA THR B 220 -22.48 -3.54 -5.06
C THR B 220 -23.67 -4.28 -4.49
N TRP B 221 -24.48 -4.90 -5.38
CA TRP B 221 -25.64 -5.69 -5.02
C TRP B 221 -25.20 -6.85 -4.12
N GLU B 222 -24.18 -7.57 -4.56
CA GLU B 222 -23.56 -8.70 -3.85
C GLU B 222 -23.04 -8.30 -2.47
N VAL B 223 -22.37 -7.15 -2.36
CA VAL B 223 -21.85 -6.62 -1.07
C VAL B 223 -23.00 -6.34 -0.07
N LEU B 224 -24.04 -5.65 -0.55
CA LEU B 224 -25.17 -5.24 0.30
C LEU B 224 -26.14 -6.37 0.67
N SER B 225 -26.23 -7.40 -0.18
CA SER B 225 -27.08 -8.56 0.02
C SER B 225 -26.41 -9.76 0.70
N ARG B 226 -25.10 -9.96 0.46
CA ARG B 226 -24.31 -11.13 0.85
C ARG B 226 -24.91 -12.39 0.16
N LYS B 227 -25.57 -12.17 -0.98
CA LYS B 227 -26.23 -13.21 -1.76
C LYS B 227 -25.50 -13.44 -3.07
N GLN B 228 -25.60 -14.67 -3.60
CA GLN B 228 -25.00 -14.98 -4.89
C GLN B 228 -25.94 -14.47 -5.97
N PRO B 229 -25.48 -13.60 -6.90
CA PRO B 229 -26.38 -13.12 -7.98
C PRO B 229 -26.94 -14.30 -8.77
N PHE B 230 -28.27 -14.29 -9.02
CA PHE B 230 -29.01 -15.34 -9.73
C PHE B 230 -28.83 -16.73 -9.07
N GLU B 231 -28.90 -16.76 -7.72
CA GLU B 231 -28.77 -17.96 -6.87
C GLU B 231 -29.76 -19.08 -7.23
N ASP B 232 -31.01 -18.71 -7.55
CA ASP B 232 -32.08 -19.62 -7.92
C ASP B 232 -31.95 -20.25 -9.32
N VAL B 233 -31.02 -19.73 -10.16
CA VAL B 233 -30.79 -20.16 -11.55
C VAL B 233 -29.58 -21.10 -11.65
N THR B 234 -29.86 -22.38 -11.90
CA THR B 234 -28.95 -23.52 -11.99
C THR B 234 -27.98 -23.46 -13.19
N ASN B 235 -28.48 -23.14 -14.39
CA ASN B 235 -27.71 -23.05 -15.63
C ASN B 235 -27.26 -21.61 -15.88
N PRO B 236 -25.96 -21.36 -16.19
CA PRO B 236 -25.53 -19.97 -16.47
C PRO B 236 -26.01 -19.43 -17.83
N LEU B 237 -26.36 -20.31 -18.76
CA LEU B 237 -26.87 -19.93 -20.08
C LEU B 237 -28.27 -19.37 -19.89
N GLN B 238 -29.02 -19.94 -18.92
CA GLN B 238 -30.33 -19.44 -18.54
C GLN B 238 -30.16 -18.02 -17.92
N ILE B 239 -29.04 -17.77 -17.20
CA ILE B 239 -28.71 -16.44 -16.66
C ILE B 239 -28.56 -15.46 -17.82
N MET B 240 -27.73 -15.80 -18.82
CA MET B 240 -27.48 -15.00 -20.03
C MET B 240 -28.77 -14.68 -20.77
N TYR B 241 -29.65 -15.68 -20.93
CA TYR B 241 -30.95 -15.50 -21.54
C TYR B 241 -31.79 -14.52 -20.71
N SER B 242 -31.83 -14.68 -19.38
CA SER B 242 -32.51 -13.76 -18.48
C SER B 242 -31.96 -12.33 -18.56
N VAL B 243 -30.63 -12.15 -18.40
CA VAL B 243 -29.93 -10.85 -18.45
C VAL B 243 -30.17 -10.12 -19.77
N SER B 244 -30.06 -10.86 -20.89
CA SER B 244 -30.27 -10.28 -22.22
C SER B 244 -31.69 -9.75 -22.36
N GLN B 245 -32.64 -10.29 -21.58
CA GLN B 245 -34.04 -9.88 -21.58
C GLN B 245 -34.31 -8.67 -20.65
N GLY B 246 -33.30 -8.27 -19.87
CA GLY B 246 -33.42 -7.13 -18.97
C GLY B 246 -33.54 -7.48 -17.50
N HIS B 247 -33.45 -8.78 -17.18
CA HIS B 247 -33.49 -9.32 -15.82
C HIS B 247 -32.16 -9.03 -15.14
N ARG B 248 -32.21 -8.75 -13.84
CA ARG B 248 -31.03 -8.48 -13.04
C ARG B 248 -31.18 -9.18 -11.69
N PRO B 249 -30.12 -9.33 -10.83
CA PRO B 249 -30.35 -9.93 -9.49
C PRO B 249 -31.47 -9.14 -8.79
N VAL B 250 -32.32 -9.86 -8.06
CA VAL B 250 -33.52 -9.32 -7.41
C VAL B 250 -33.24 -8.20 -6.40
N ILE B 251 -34.02 -7.11 -6.52
CA ILE B 251 -34.01 -5.98 -5.61
C ILE B 251 -35.35 -5.97 -4.88
N ASN B 252 -35.34 -6.42 -3.61
CA ASN B 252 -36.50 -6.49 -2.73
C ASN B 252 -36.08 -6.48 -1.24
N GLU B 253 -37.06 -6.61 -0.32
CA GLU B 253 -36.86 -6.63 1.14
C GLU B 253 -35.96 -7.78 1.55
N GLU B 254 -36.10 -8.97 0.93
CA GLU B 254 -35.30 -10.15 1.29
C GLU B 254 -33.83 -10.06 0.85
N SER B 255 -33.56 -9.53 -0.35
CA SER B 255 -32.20 -9.41 -0.88
C SER B 255 -31.51 -8.22 -0.25
N LEU B 256 -32.22 -7.08 -0.23
CA LEU B 256 -31.75 -5.83 0.32
C LEU B 256 -32.74 -5.37 1.40
N PRO B 257 -32.44 -5.69 2.69
CA PRO B 257 -33.35 -5.26 3.77
C PRO B 257 -33.49 -3.74 3.87
N TYR B 258 -34.59 -3.29 4.50
CA TYR B 258 -34.90 -1.88 4.67
C TYR B 258 -33.95 -1.14 5.65
N ASP B 259 -33.24 -1.89 6.51
CA ASP B 259 -32.25 -1.39 7.48
C ASP B 259 -30.84 -1.06 6.89
N ILE B 260 -30.66 -1.20 5.54
CA ILE B 260 -29.37 -0.90 4.89
C ILE B 260 -29.17 0.61 4.94
N PRO B 261 -28.05 1.11 5.49
CA PRO B 261 -27.84 2.56 5.48
C PRO B 261 -27.79 3.06 4.04
N HIS B 262 -28.49 4.18 3.75
CA HIS B 262 -28.58 4.82 2.43
C HIS B 262 -29.12 3.89 1.33
N ARG B 263 -30.04 2.98 1.68
CA ARG B 263 -30.65 1.97 0.81
C ARG B 263 -31.14 2.53 -0.52
N ALA B 264 -31.98 3.59 -0.46
CA ALA B 264 -32.57 4.23 -1.65
C ALA B 264 -31.46 4.72 -2.61
N ARG B 265 -30.47 5.44 -2.09
CA ARG B 265 -29.35 5.98 -2.85
C ARG B 265 -28.54 4.87 -3.52
N MET B 266 -28.27 3.77 -2.77
CA MET B 266 -27.53 2.62 -3.25
C MET B 266 -28.29 1.89 -4.35
N ILE B 267 -29.63 1.65 -4.18
CA ILE B 267 -30.45 0.98 -5.20
C ILE B 267 -30.39 1.76 -6.51
N SER B 268 -30.48 3.08 -6.41
CA SER B 268 -30.39 3.99 -7.53
C SER B 268 -29.06 3.83 -8.26
N LEU B 269 -27.95 3.76 -7.53
CA LEU B 269 -26.58 3.58 -8.08
C LEU B 269 -26.50 2.24 -8.80
N ILE B 270 -26.91 1.13 -8.12
CA ILE B 270 -26.97 -0.23 -8.65
C ILE B 270 -27.78 -0.25 -9.95
N GLU B 271 -29.02 0.27 -9.91
CA GLU B 271 -29.89 0.26 -11.09
C GLU B 271 -29.36 1.07 -12.26
N SER B 272 -28.65 2.18 -12.00
CA SER B 272 -28.13 2.94 -13.11
C SER B 272 -26.88 2.26 -13.69
N GLY B 273 -26.09 1.63 -12.81
CA GLY B 273 -24.87 0.90 -13.14
C GLY B 273 -25.10 -0.30 -14.05
N TRP B 274 -26.16 -1.05 -13.81
CA TRP B 274 -26.45 -2.25 -14.60
C TRP B 274 -27.59 -2.03 -15.66
N ALA B 275 -27.86 -0.77 -16.06
CA ALA B 275 -28.87 -0.44 -17.10
C ALA B 275 -28.60 -1.20 -18.40
N GLN B 276 -29.68 -1.59 -19.14
CA GLN B 276 -29.53 -2.31 -20.41
C GLN B 276 -28.80 -1.46 -21.44
N ASN B 277 -29.13 -0.16 -21.49
CA ASN B 277 -28.46 0.77 -22.37
C ASN B 277 -27.13 1.19 -21.75
N PRO B 278 -25.98 0.84 -22.36
CA PRO B 278 -24.68 1.28 -21.81
C PRO B 278 -24.56 2.81 -21.60
N ASP B 279 -25.12 3.62 -22.52
CA ASP B 279 -25.11 5.10 -22.49
C ASP B 279 -25.73 5.67 -21.23
N GLU B 280 -26.67 4.93 -20.61
CA GLU B 280 -27.37 5.35 -19.38
C GLU B 280 -26.64 5.00 -18.08
N ARG B 281 -25.54 4.25 -18.18
CA ARG B 281 -24.70 3.85 -17.05
C ARG B 281 -23.78 5.00 -16.63
N PRO B 282 -23.60 5.27 -15.31
CA PRO B 282 -22.72 6.38 -14.90
C PRO B 282 -21.23 6.10 -15.08
N SER B 283 -20.43 7.17 -14.99
CA SER B 283 -18.99 7.08 -15.00
C SER B 283 -18.66 6.79 -13.54
N PHE B 284 -17.45 6.32 -13.26
CA PHE B 284 -17.02 6.07 -11.88
C PHE B 284 -16.88 7.37 -11.10
N LEU B 285 -16.62 8.49 -11.80
CA LEU B 285 -16.52 9.82 -11.20
C LEU B 285 -17.86 10.20 -10.58
N LYS B 286 -18.95 10.04 -11.35
CA LYS B 286 -20.31 10.33 -10.91
C LYS B 286 -20.63 9.47 -9.71
N CYS B 287 -20.27 8.21 -9.81
CA CYS B 287 -20.43 7.20 -8.77
C CYS B 287 -19.69 7.60 -7.46
N LEU B 288 -18.46 8.14 -7.58
CA LEU B 288 -17.68 8.59 -6.43
C LEU B 288 -18.24 9.82 -5.78
N ILE B 289 -18.72 10.77 -6.61
CA ILE B 289 -19.30 12.03 -6.14
C ILE B 289 -20.56 11.74 -5.28
N GLU B 290 -21.26 10.64 -5.57
CA GLU B 290 -22.43 10.15 -4.87
C GLU B 290 -22.04 9.44 -3.57
N LEU B 291 -21.02 8.58 -3.61
CA LEU B 291 -20.50 7.78 -2.49
C LEU B 291 -19.76 8.60 -1.40
N GLU B 292 -19.04 9.67 -1.79
CA GLU B 292 -18.28 10.51 -0.84
C GLU B 292 -19.13 11.00 0.36
N PRO B 293 -20.33 11.63 0.17
CA PRO B 293 -21.14 12.01 1.35
C PRO B 293 -21.63 10.84 2.21
N VAL B 294 -21.79 9.65 1.64
CA VAL B 294 -22.22 8.43 2.36
C VAL B 294 -21.10 7.99 3.30
N LEU B 295 -19.85 7.91 2.79
CA LEU B 295 -18.70 7.47 3.57
C LEU B 295 -18.38 8.42 4.71
N ARG B 296 -18.72 9.71 4.58
CA ARG B 296 -18.47 10.68 5.64
C ARG B 296 -19.43 10.52 6.84
N THR B 297 -20.52 9.75 6.69
CA THR B 297 -21.47 9.50 7.77
C THR B 297 -20.91 8.52 8.82
N PHE B 298 -19.87 7.74 8.45
CA PHE B 298 -19.25 6.74 9.32
C PHE B 298 -18.03 7.31 10.03
N GLU B 299 -17.97 7.10 11.35
CA GLU B 299 -16.86 7.53 12.17
C GLU B 299 -15.68 6.63 11.92
N GLU B 300 -14.48 7.18 12.01
CA GLU B 300 -13.27 6.43 11.72
C GLU B 300 -13.12 5.13 12.51
N ILE B 301 -13.37 5.17 13.83
CA ILE B 301 -13.27 4.00 14.70
C ILE B 301 -14.15 2.83 14.26
N THR B 302 -15.28 3.09 13.55
CA THR B 302 -16.20 2.02 13.16
C THR B 302 -15.55 1.10 12.13
N PHE B 303 -14.56 1.59 11.37
CA PHE B 303 -13.85 0.79 10.38
C PHE B 303 -12.87 -0.15 11.08
N LEU B 304 -12.19 0.33 12.13
CA LEU B 304 -11.25 -0.45 12.95
C LEU B 304 -12.00 -1.53 13.74
N GLU B 305 -13.16 -1.15 14.30
CA GLU B 305 -14.03 -2.05 15.04
C GLU B 305 -14.50 -3.16 14.14
N ALA B 306 -14.87 -2.83 12.86
CA ALA B 306 -15.40 -3.80 11.89
C ALA B 306 -14.36 -4.85 11.60
N VAL B 307 -13.08 -4.44 11.48
CA VAL B 307 -11.97 -5.32 11.21
C VAL B 307 -11.62 -6.20 12.41
N ILE B 308 -11.59 -5.67 13.65
CA ILE B 308 -11.32 -6.47 14.85
C ILE B 308 -12.37 -7.56 15.03
N GLN B 309 -13.63 -7.28 14.67
CA GLN B 309 -14.75 -8.23 14.75
C GLN B 309 -14.52 -9.43 13.82
N LEU B 310 -13.84 -9.21 12.72
CA LEU B 310 -13.59 -10.22 11.70
C LEU B 310 -12.41 -11.15 12.03
N LYS B 311 -11.45 -10.69 12.86
CA LYS B 311 -10.24 -11.43 13.22
C LYS B 311 -10.50 -12.80 13.87
C10 K9T C . 5.22 17.00 10.25
C17 K9T C . 3.16 15.28 7.00
C20 K9T C . 3.46 14.11 4.92
C21 K9T C . 4.21 13.67 3.77
C24 K9T C . 6.14 14.06 2.27
C01 K9T C . 5.83 14.96 8.92
C05 K9T C . 4.69 15.84 9.43
C06 K9T C . 3.68 15.02 10.24
S14 K9T C . 3.80 16.59 8.03
O15 K9T C . 2.68 17.32 8.56
O16 K9T C . 4.77 17.29 7.22
C18 K9T C . 3.91 15.02 5.88
N22 K9T C . 5.41 14.24 3.48
C25 K9T C . 5.49 14.24 1.04
C27 K9T C . 6.15 13.96 -0.15
C29 K9T C . 7.48 13.54 -0.09
S30 K9T C . 8.54 13.11 -1.39
C31 K9T C . 9.73 12.64 -0.23
N33 K9T C . 9.43 12.80 1.01
C34 K9T C . 8.13 13.31 1.13
C35 K9T C . 7.45 13.59 2.31
N37 K9T C . 3.71 12.76 2.90
C38 K9T C . 2.52 12.24 3.20
N40 K9T C . 1.72 12.54 4.21
C41 K9T C . 2.21 13.48 5.09
C42 K9T C . 1.44 13.78 6.25
C44 K9T C . 1.88 14.70 7.15
O45 K9T C . 1.21 15.05 8.30
C46 K9T C . -0.05 14.41 8.58
C49 K9T C . -1.01 15.52 8.83
O52 K9T C . -0.94 15.86 10.22
P53 K9T C . -2.23 16.54 10.89
O54 K9T C . -2.51 17.86 10.15
O56 K9T C . -3.47 15.52 10.80
O58 K9T C . -1.84 16.70 12.39
CA CA D . -15.43 -14.86 13.09
C10 K9T E . -8.80 -17.72 -3.44
C17 K9T E . -5.22 -15.53 -2.73
C20 K9T E . -3.84 -13.78 -3.72
C21 K9T E . -3.30 -13.01 -4.81
C24 K9T E . -2.99 -12.78 -7.24
C01 K9T E . -8.22 -15.37 -4.14
C05 K9T E . -7.99 -16.47 -3.10
C06 K9T E . -8.35 -15.96 -1.70
S14 K9T E . -6.22 -16.98 -3.07
O15 K9T E . -6.06 -17.92 -1.98
O16 K9T E . -5.87 -17.42 -4.38
C18 K9T E . -4.76 -14.86 -3.85
N22 K9T E . -3.62 -13.33 -6.09
C25 K9T E . -1.60 -12.80 -7.30
C27 K9T E . -0.94 -12.21 -8.36
C29 K9T E . -1.68 -11.64 -9.39
S30 K9T E . -1.12 -10.77 -10.78
C31 K9T E . -2.76 -10.39 -11.17
N33 K9T E . -3.67 -10.84 -10.37
C34 K9T E . -3.08 -11.53 -9.30
C35 K9T E . -3.73 -12.08 -8.19
N37 K9T E . -2.45 -11.99 -4.59
C38 K9T E . -2.15 -11.70 -3.32
N40 K9T E . -2.56 -12.34 -2.23
C41 K9T E . -3.43 -13.39 -2.44
C42 K9T E . -3.94 -14.07 -1.30
C44 K9T E . -4.79 -15.12 -1.44
O45 K9T E . -5.27 -15.87 -0.39
C46 K9T E . -5.71 -15.18 0.77
C49 K9T E . -5.16 -15.86 1.96
O52 K9T E . -5.54 -17.24 1.91
P53 K9T E . -4.92 -18.23 3.01
O54 K9T E . -3.39 -18.24 2.87
O56 K9T E . -5.45 -17.69 4.39
O58 K9T E . -5.57 -19.62 2.71
#